data_6TKM
#
_entry.id   6TKM
#
_cell.length_a   42.320
_cell.length_b   77.410
_cell.length_c   148.680
_cell.angle_alpha   90.000
_cell.angle_beta   90.000
_cell.angle_gamma   90.000
#
_symmetry.space_group_name_H-M   'P 21 21 21'
#
loop_
_entity.id
_entity.type
_entity.pdbx_description
1 polymer Tankyrase-2
2 non-polymer ~{N}-[3-[5-(5-ethoxypyridin-2-yl)-4-(2-fluorophenyl)-1,2,4-triazol-3-yl]cyclobutyl]-1,5-naphthyridine-4-carboxamide
3 non-polymer 'ZINC ION'
4 water water
#
_entity_poly.entity_id   1
_entity_poly.type   'polypeptide(L)'
_entity_poly.pdbx_seq_one_letter_code
;MHHHHHHSSGVDLGTENLYFQSMLNTSGSGTILIDLSPDDKEFQSVEEEMQSTVREHRDGGHAGGIFNRYNILKIQKVCN
KKLWERYTHRRKEVSEENHNHANERMLFHGSPFVNAIIHKGFDERHAYIGGMFGAGIYFAENSSKSNQYVYGIGGGTGCP
VHKDRSCYICHRQLLFCRVTLGKSFLQFSAMKMAHSPPGHHSVTGRPSVNGLALAEYVIYRGEQAYPEYLITYQIMRPEG
;
_entity_poly.pdbx_strand_id   AAA,BBB
#
# COMPACT_ATOMS: atom_id res chain seq x y z
N GLY A 30 13.93 10.00 -16.16
CA GLY A 30 13.85 11.44 -16.57
C GLY A 30 14.07 12.40 -15.41
N THR A 31 14.99 12.04 -14.51
CA THR A 31 15.37 12.86 -13.32
C THR A 31 16.52 13.79 -13.70
N ILE A 32 16.44 15.05 -13.29
CA ILE A 32 17.50 16.10 -13.45
C ILE A 32 17.83 16.66 -12.07
N LEU A 33 19.11 16.70 -11.72
CA LEU A 33 19.62 17.31 -10.46
C LEU A 33 20.09 18.74 -10.77
N ILE A 34 19.56 19.72 -10.03
CA ILE A 34 19.98 21.15 -10.14
C ILE A 34 20.90 21.47 -8.95
N ASP A 35 22.20 21.60 -9.22
CA ASP A 35 23.22 21.94 -8.20
C ASP A 35 22.92 23.35 -7.69
N LEU A 36 22.68 23.50 -6.38
CA LEU A 36 22.39 24.80 -5.73
C LEU A 36 23.69 25.41 -5.21
N SER A 37 23.90 26.70 -5.49
CA SER A 37 25.04 27.51 -5.00
C SER A 37 24.91 27.72 -3.49
N PRO A 38 26.00 27.56 -2.69
CA PRO A 38 25.96 27.83 -1.26
C PRO A 38 25.43 29.23 -0.85
N ASP A 39 25.36 30.16 -1.79
CA ASP A 39 24.87 31.55 -1.59
C ASP A 39 23.35 31.64 -1.87
N ASP A 40 22.74 30.55 -2.37
CA ASP A 40 21.27 30.43 -2.52
C ASP A 40 20.62 30.39 -1.13
N LYS A 41 19.55 31.16 -0.91
CA LYS A 41 18.75 31.13 0.34
C LYS A 41 18.09 29.74 0.47
N GLU A 42 17.74 29.13 -0.67
CA GLU A 42 17.14 27.77 -0.77
C GLU A 42 18.13 26.71 -0.22
N PHE A 43 19.38 26.78 -0.65
CA PHE A 43 20.52 25.97 -0.13
C PHE A 43 20.64 26.21 1.37
N GLN A 44 20.76 27.49 1.76
CA GLN A 44 21.02 27.93 3.15
C GLN A 44 19.91 27.44 4.08
N SER A 45 18.67 27.38 3.59
CA SER A 45 17.48 26.92 4.33
C SER A 45 17.62 25.43 4.67
N VAL A 46 17.95 24.62 3.65
CA VAL A 46 18.14 23.14 3.77
C VAL A 46 19.39 22.88 4.63
N GLU A 47 20.46 23.64 4.40
CA GLU A 47 21.72 23.54 5.19
C GLU A 47 21.42 23.78 6.66
N GLU A 48 20.74 24.89 6.96
CA GLU A 48 20.40 25.32 8.34
C GLU A 48 19.59 24.22 9.02
N GLU A 49 18.55 23.71 8.35
CA GLU A 49 17.62 22.68 8.87
C GLU A 49 18.42 21.41 9.22
N MET A 50 19.33 20.99 8.34
CA MET A 50 20.15 19.76 8.53
C MET A 50 21.03 19.93 9.78
N GLN A 51 21.75 21.05 9.88
CA GLN A 51 22.73 21.32 10.97
C GLN A 51 21.98 21.46 12.30
N SER A 52 20.85 22.16 12.32
CA SER A 52 20.10 22.56 13.55
C SER A 52 19.33 21.38 14.14
N THR A 53 18.92 20.42 13.31
CA THR A 53 18.06 19.27 13.71
C THR A 53 18.93 18.12 14.23
N VAL A 54 20.24 18.31 14.35
CA VAL A 54 21.20 17.30 14.90
C VAL A 54 20.98 17.19 16.41
N ARG A 55 20.95 15.97 16.93
CA ARG A 55 20.76 15.68 18.38
C ARG A 55 21.82 14.67 18.85
N GLU A 56 22.12 14.67 20.16
CA GLU A 56 22.83 13.56 20.85
C GLU A 56 21.94 12.31 20.77
N HIS A 57 22.53 11.12 20.70
CA HIS A 57 21.82 9.83 20.49
C HIS A 57 22.11 8.87 21.64
N ARG A 58 21.11 8.06 22.02
CA ARG A 58 21.17 7.09 23.14
C ARG A 58 22.35 6.12 22.94
N ASP A 59 22.58 5.68 21.70
CA ASP A 59 23.58 4.63 21.35
C ASP A 59 25.00 5.21 21.31
N GLY A 60 25.20 6.45 21.77
CA GLY A 60 26.49 7.15 21.77
C GLY A 60 27.12 7.17 20.38
N GLY A 61 26.29 7.27 19.33
CA GLY A 61 26.72 7.35 17.92
C GLY A 61 27.18 6.00 17.37
N HIS A 62 26.79 4.88 18.00
CA HIS A 62 27.16 3.51 17.59
C HIS A 62 26.70 3.24 16.15
N ALA A 63 25.52 3.73 15.78
CA ALA A 63 24.87 3.49 14.47
C ALA A 63 25.29 4.56 13.46
N GLY A 64 25.27 5.84 13.85
CA GLY A 64 25.40 6.98 12.92
C GLY A 64 26.78 7.61 12.92
N GLY A 65 27.61 7.32 13.94
CA GLY A 65 28.91 7.98 14.17
C GLY A 65 28.80 9.05 15.23
N ILE A 66 29.93 9.59 15.69
CA ILE A 66 30.02 10.64 16.76
C ILE A 66 30.36 11.98 16.10
N PHE A 67 29.50 12.99 16.29
CA PHE A 67 29.54 14.31 15.61
C PHE A 67 28.46 15.22 16.21
N ASN A 68 28.59 16.54 16.05
CA ASN A 68 27.54 17.53 16.39
C ASN A 68 27.31 18.50 15.22
N ARG A 69 27.93 18.22 14.07
CA ARG A 69 27.87 19.09 12.87
C ARG A 69 28.28 18.25 11.64
N TYR A 70 27.83 18.64 10.45
CA TYR A 70 28.19 17.98 9.17
C TYR A 70 29.11 18.90 8.35
N ASN A 71 29.78 18.29 7.36
CA ASN A 71 30.46 18.97 6.22
C ASN A 71 29.51 18.89 5.02
N ILE A 72 28.84 20.00 4.70
CA ILE A 72 27.80 20.08 3.63
C ILE A 72 28.51 20.32 2.29
N LEU A 73 28.63 19.28 1.46
CA LEU A 73 29.42 19.30 0.21
C LEU A 73 28.55 19.80 -0.95
N LYS A 74 27.36 19.22 -1.12
CA LYS A 74 26.45 19.54 -2.25
C LYS A 74 25.00 19.39 -1.79
N ILE A 75 24.15 20.33 -2.21
CA ILE A 75 22.66 20.24 -2.12
C ILE A 75 22.09 20.42 -3.53
N GLN A 76 21.49 19.36 -4.07
CA GLN A 76 20.91 19.35 -5.44
C GLN A 76 19.39 19.18 -5.35
N LYS A 77 18.63 20.06 -6.01
CA LYS A 77 17.15 19.93 -6.17
C LYS A 77 16.88 18.85 -7.22
N VAL A 78 16.06 17.85 -6.87
CA VAL A 78 15.64 16.72 -7.75
C VAL A 78 14.44 17.19 -8.56
N CYS A 79 14.46 16.99 -9.88
CA CYS A 79 13.38 17.41 -10.81
C CYS A 79 12.94 16.23 -11.69
N ASN A 80 11.68 15.80 -11.53
CA ASN A 80 11.06 14.68 -12.28
C ASN A 80 9.54 14.90 -12.33
N LYS A 81 9.03 15.34 -13.48
CA LYS A 81 7.57 15.63 -13.72
C LYS A 81 6.74 14.39 -13.37
N LYS A 82 7.16 13.20 -13.82
CA LYS A 82 6.43 11.92 -13.59
C LYS A 82 6.26 11.72 -12.08
N LEU A 83 7.35 11.78 -11.33
CA LEU A 83 7.37 11.54 -9.85
C LEU A 83 6.64 12.67 -9.12
N TRP A 84 6.76 13.90 -9.60
CA TRP A 84 6.09 15.08 -8.99
C TRP A 84 4.57 14.97 -9.15
N GLU A 85 4.11 14.63 -10.36
CA GLU A 85 2.66 14.53 -10.71
C GLU A 85 2.01 13.40 -9.90
N ARG A 86 2.72 12.30 -9.71
CA ARG A 86 2.25 11.10 -8.96
C ARG A 86 2.17 11.45 -7.46
N TYR A 87 2.99 12.38 -6.98
CA TYR A 87 2.95 12.88 -5.58
C TYR A 87 1.73 13.78 -5.39
N THR A 88 1.63 14.86 -6.17
CA THR A 88 0.54 15.87 -6.07
C THR A 88 -0.83 15.17 -6.17
N HIS A 89 -0.95 14.21 -7.09
CA HIS A 89 -2.18 13.40 -7.33
C HIS A 89 -2.62 12.69 -6.05
N ARG A 90 -1.67 12.07 -5.35
CA ARG A 90 -1.93 11.35 -4.07
C ARG A 90 -2.20 12.37 -2.96
N ARG A 91 -1.50 13.50 -2.97
CA ARG A 91 -1.65 14.58 -1.97
C ARG A 91 -3.09 15.11 -2.02
N LYS A 92 -3.66 15.25 -3.22
CA LYS A 92 -5.06 15.72 -3.42
C LYS A 92 -6.03 14.75 -2.75
N GLU A 93 -5.92 13.45 -3.07
CA GLU A 93 -6.78 12.36 -2.54
C GLU A 93 -6.79 12.41 -1.01
N VAL A 94 -5.61 12.53 -0.40
CA VAL A 94 -5.41 12.48 1.09
C VAL A 94 -6.13 13.69 1.71
N SER A 95 -5.95 14.88 1.15
CA SER A 95 -6.59 16.15 1.61
C SER A 95 -8.10 15.97 1.73
N GLU A 96 -8.73 15.35 0.74
CA GLU A 96 -10.21 15.11 0.69
C GLU A 96 -10.63 14.13 1.79
N GLU A 97 -9.71 13.29 2.28
CA GLU A 97 -9.97 12.28 3.35
C GLU A 97 -9.56 12.82 4.73
N ASN A 98 -9.04 14.05 4.81
CA ASN A 98 -8.49 14.64 6.05
C ASN A 98 -8.92 16.11 6.17
N HIS A 99 -10.15 16.44 5.77
CA HIS A 99 -10.78 17.78 5.94
C HIS A 99 -9.95 18.85 5.21
N ASN A 100 -9.56 18.55 3.97
CA ASN A 100 -8.89 19.47 3.03
C ASN A 100 -7.57 19.97 3.64
N HIS A 101 -6.81 19.07 4.28
CA HIS A 101 -5.47 19.34 4.85
C HIS A 101 -4.55 18.15 4.54
N ALA A 102 -3.51 18.38 3.73
CA ALA A 102 -2.54 17.35 3.29
C ALA A 102 -1.70 16.88 4.49
N ASN A 103 -1.49 17.76 5.46
CA ASN A 103 -0.55 17.56 6.60
C ASN A 103 0.85 17.33 6.00
N GLU A 104 1.26 18.25 5.13
CA GLU A 104 2.55 18.18 4.40
C GLU A 104 3.66 18.67 5.33
N ARG A 105 4.73 17.88 5.46
CA ARG A 105 5.91 18.16 6.30
C ARG A 105 7.17 17.91 5.47
N MET A 106 8.16 18.80 5.57
CA MET A 106 9.53 18.58 5.06
C MET A 106 10.27 17.72 6.10
N LEU A 107 10.66 16.50 5.72
CA LEU A 107 11.36 15.54 6.62
C LEU A 107 12.54 14.90 5.91
N PHE A 108 13.56 14.52 6.69
CA PHE A 108 14.79 13.83 6.22
C PHE A 108 14.49 12.34 6.04
N HIS A 109 15.04 11.74 4.98
CA HIS A 109 15.04 10.27 4.74
C HIS A 109 16.47 9.76 4.59
N GLY A 110 16.79 8.65 5.27
CA GLY A 110 18.06 7.92 5.15
C GLY A 110 17.81 6.47 4.81
N SER A 111 18.61 5.92 3.89
CA SER A 111 18.56 4.50 3.43
C SER A 111 19.69 4.26 2.42
N PRO A 112 20.18 3.01 2.24
CA PRO A 112 21.19 2.73 1.23
C PRO A 112 20.75 2.83 -0.24
N PHE A 113 19.54 3.34 -0.51
CA PHE A 113 18.85 3.21 -1.83
C PHE A 113 18.54 4.57 -2.44
N VAL A 114 19.18 5.65 -1.95
CA VAL A 114 18.88 7.05 -2.34
C VAL A 114 19.00 7.21 -3.86
N ASN A 115 20.03 6.61 -4.47
CA ASN A 115 20.34 6.72 -5.92
C ASN A 115 19.14 6.21 -6.73
N ALA A 116 18.54 5.09 -6.30
CA ALA A 116 17.35 4.49 -6.94
C ALA A 116 16.16 5.45 -6.80
N ILE A 117 15.91 5.92 -5.57
CA ILE A 117 14.71 6.72 -5.16
C ILE A 117 14.60 7.96 -6.06
N ILE A 118 15.68 8.72 -6.21
CA ILE A 118 15.68 10.00 -6.98
C ILE A 118 15.31 9.72 -8.45
N HIS A 119 15.47 8.49 -8.93
CA HIS A 119 15.23 8.08 -10.34
C HIS A 119 13.86 7.42 -10.49
N LYS A 120 13.48 6.51 -9.59
CA LYS A 120 12.26 5.67 -9.73
C LYS A 120 11.22 5.98 -8.64
N GLY A 121 11.49 6.96 -7.77
CA GLY A 121 10.58 7.36 -6.68
C GLY A 121 10.60 6.38 -5.52
N PHE A 122 10.07 6.77 -4.36
CA PHE A 122 9.91 5.89 -3.17
C PHE A 122 9.06 4.69 -3.57
N ASP A 123 9.40 3.50 -3.06
CA ASP A 123 8.71 2.22 -3.39
C ASP A 123 8.53 1.41 -2.10
N GLU A 124 7.28 1.31 -1.62
CA GLU A 124 6.92 0.58 -0.38
C GLU A 124 7.28 -0.92 -0.53
N ARG A 125 7.29 -1.43 -1.77
CA ARG A 125 7.53 -2.86 -2.08
C ARG A 125 8.91 -3.31 -1.57
N HIS A 126 9.82 -2.36 -1.27
CA HIS A 126 11.19 -2.63 -0.78
C HIS A 126 11.30 -2.37 0.74
N ALA A 127 10.18 -2.13 1.41
CA ALA A 127 10.11 -1.84 2.86
C ALA A 127 10.61 -3.05 3.65
N TYR A 128 11.29 -2.80 4.77
CA TYR A 128 11.78 -3.82 5.73
C TYR A 128 10.65 -4.16 6.71
N ILE A 129 10.27 -5.44 6.77
CA ILE A 129 9.07 -5.95 7.49
C ILE A 129 9.35 -5.97 9.00
N GLY A 130 10.62 -6.00 9.41
CA GLY A 130 11.08 -6.05 10.82
C GLY A 130 11.16 -4.68 11.47
N GLY A 131 10.88 -3.60 10.72
CA GLY A 131 10.78 -2.22 11.26
C GLY A 131 9.83 -2.14 12.44
N MET A 132 10.01 -1.13 13.30
CA MET A 132 9.27 -1.00 14.59
C MET A 132 7.79 -0.70 14.34
N PHE A 133 7.46 -0.05 13.22
CA PHE A 133 6.07 0.27 12.79
C PHE A 133 5.77 -0.43 11.46
N GLY A 134 6.34 -1.63 11.28
CA GLY A 134 6.03 -2.53 10.16
C GLY A 134 6.62 -2.04 8.84
N ALA A 135 6.23 -2.68 7.74
CA ALA A 135 6.74 -2.45 6.36
C ALA A 135 6.31 -1.08 5.87
N GLY A 136 7.06 -0.04 6.23
CA GLY A 136 6.84 1.35 5.76
C GLY A 136 8.14 2.03 5.40
N ILE A 137 8.05 3.19 4.73
CA ILE A 137 9.19 4.09 4.44
C ILE A 137 9.30 5.10 5.58
N TYR A 138 10.43 5.13 6.28
CA TYR A 138 10.63 5.93 7.51
C TYR A 138 11.23 7.29 7.16
N PHE A 139 10.80 8.30 7.91
CA PHE A 139 11.30 9.70 7.85
C PHE A 139 11.58 10.16 9.28
N ALA A 140 12.24 11.31 9.41
CA ALA A 140 12.61 11.92 10.70
C ALA A 140 12.65 13.44 10.54
N GLU A 141 12.29 14.16 11.60
CA GLU A 141 12.45 15.64 11.70
C GLU A 141 13.86 15.97 12.21
N ASN A 142 14.66 14.94 12.52
CA ASN A 142 16.06 15.07 13.01
C ASN A 142 17.00 14.40 12.01
N SER A 143 17.70 15.19 11.20
CA SER A 143 18.72 14.75 10.21
C SER A 143 19.63 13.69 10.82
N SER A 144 20.03 13.85 12.09
CA SER A 144 20.98 12.96 12.80
C SER A 144 20.38 11.55 12.94
N LYS A 145 19.04 11.45 13.03
CA LYS A 145 18.34 10.14 13.12
C LYS A 145 18.39 9.44 11.76
N SER A 146 18.00 10.14 10.69
CA SER A 146 18.06 9.63 9.30
C SER A 146 19.46 9.10 8.98
N ASN A 147 20.50 9.82 9.43
CA ASN A 147 21.94 9.47 9.27
C ASN A 147 22.18 8.02 9.69
N GLN A 148 21.51 7.56 10.75
CA GLN A 148 21.73 6.21 11.35
C GLN A 148 21.39 5.09 10.36
N TYR A 149 20.59 5.38 9.32
CA TYR A 149 20.02 4.37 8.39
C TYR A 149 20.72 4.40 7.03
N VAL A 150 21.69 5.29 6.83
CA VAL A 150 22.31 5.57 5.50
C VAL A 150 23.06 4.33 5.01
N TYR A 151 23.77 3.62 5.92
CA TYR A 151 24.56 2.41 5.60
C TYR A 151 23.82 1.16 6.07
N GLY A 152 22.48 1.21 6.10
CA GLY A 152 21.59 0.09 6.48
C GLY A 152 20.90 0.32 7.80
N ILE A 153 20.09 -0.65 8.26
CA ILE A 153 19.38 -0.60 9.57
C ILE A 153 20.43 -0.65 10.68
N GLY A 154 20.41 0.34 11.59
CA GLY A 154 21.41 0.51 12.65
C GLY A 154 22.79 0.75 12.07
N GLY A 155 22.88 1.46 10.94
CA GLY A 155 24.13 1.78 10.23
C GLY A 155 24.77 0.55 9.58
N GLY A 156 24.13 -0.62 9.70
CA GLY A 156 24.61 -1.91 9.18
C GLY A 156 26.10 -2.12 9.46
N THR A 157 26.88 -2.47 8.44
CA THR A 157 28.34 -2.75 8.55
C THR A 157 29.13 -1.49 8.15
N GLY A 158 28.51 -0.31 8.24
CA GLY A 158 29.15 1.00 8.00
C GLY A 158 29.47 1.22 6.53
N CYS A 159 30.39 2.16 6.24
CA CYS A 159 30.82 2.56 4.88
C CYS A 159 31.42 1.37 4.15
N PRO A 160 31.25 1.27 2.81
CA PRO A 160 31.78 0.12 2.07
C PRO A 160 33.32 0.01 2.10
N VAL A 161 34.03 1.14 2.11
CA VAL A 161 35.52 1.21 1.97
C VAL A 161 36.20 0.81 3.28
N HIS A 162 35.80 1.39 4.41
CA HIS A 162 36.47 1.26 5.73
C HIS A 162 35.69 0.38 6.71
N LYS A 163 34.45 -0.01 6.37
CA LYS A 163 33.53 -0.78 7.26
C LYS A 163 33.46 -0.08 8.62
N ASP A 164 33.21 1.24 8.60
CA ASP A 164 33.21 2.13 9.80
C ASP A 164 31.93 2.98 9.79
N ARG A 165 31.09 2.83 10.81
CA ARG A 165 29.80 3.56 10.96
C ARG A 165 30.07 5.02 11.33
N SER A 166 31.25 5.33 11.88
CA SER A 166 31.66 6.68 12.34
C SER A 166 32.66 7.32 11.37
N CYS A 167 32.79 6.75 10.16
CA CYS A 167 33.76 7.20 9.12
C CYS A 167 33.51 8.68 8.81
N TYR A 168 34.54 9.52 9.01
CA TYR A 168 34.53 10.98 8.70
C TYR A 168 35.06 11.23 7.28
N ILE A 169 35.48 10.16 6.59
CA ILE A 169 36.16 10.23 5.27
C ILE A 169 35.10 10.09 4.16
N CYS A 170 34.40 8.96 4.12
CA CYS A 170 33.41 8.60 3.06
C CYS A 170 32.25 9.59 3.05
N HIS A 171 31.81 9.99 1.86
CA HIS A 171 30.69 10.92 1.58
C HIS A 171 29.35 10.18 1.76
N ARG A 172 28.42 10.78 2.49
CA ARG A 172 27.04 10.25 2.72
C ARG A 172 26.04 11.06 1.90
N GLN A 173 24.81 10.54 1.75
CA GLN A 173 23.68 11.22 1.06
C GLN A 173 22.39 11.01 1.85
N LEU A 174 21.76 12.09 2.32
CA LEU A 174 20.37 12.11 2.84
C LEU A 174 19.46 12.72 1.79
N LEU A 175 18.17 12.37 1.82
CA LEU A 175 17.10 13.08 1.09
C LEU A 175 16.32 13.94 2.09
N PHE A 176 15.99 15.17 1.69
CA PHE A 176 15.06 16.09 2.39
C PHE A 176 13.79 16.16 1.54
N CYS A 177 12.72 15.53 2.02
CA CYS A 177 11.52 15.16 1.21
C CYS A 177 10.29 15.96 1.62
N ARG A 178 9.45 16.29 0.63
CA ARG A 178 8.03 16.64 0.79
C ARG A 178 7.26 15.35 1.11
N VAL A 179 6.68 15.25 2.31
CA VAL A 179 5.94 14.05 2.79
C VAL A 179 4.51 14.46 3.13
N THR A 180 3.52 13.82 2.51
CA THR A 180 2.08 13.92 2.86
C THR A 180 1.78 12.91 3.97
N LEU A 181 1.59 13.38 5.21
CA LEU A 181 1.29 12.52 6.39
C LEU A 181 -0.21 12.31 6.52
N GLY A 182 -1.02 13.20 5.96
CA GLY A 182 -2.50 13.16 6.05
C GLY A 182 -2.96 13.10 7.50
N LYS A 183 -3.86 12.17 7.82
CA LYS A 183 -4.31 11.89 9.22
C LYS A 183 -3.37 10.85 9.81
N SER A 184 -2.43 11.28 10.65
CA SER A 184 -1.32 10.43 11.18
C SER A 184 -1.74 9.80 12.51
N PHE A 185 -1.67 8.47 12.58
CA PHE A 185 -1.97 7.68 13.80
C PHE A 185 -0.76 7.73 14.74
N LEU A 186 -0.96 8.22 15.97
CA LEU A 186 0.09 8.29 17.02
C LEU A 186 0.21 6.91 17.68
N GLN A 187 1.45 6.42 17.87
CA GLN A 187 1.71 5.07 18.46
C GLN A 187 3.04 5.07 19.22
N PHE A 188 3.13 4.21 20.25
CA PHE A 188 4.32 3.95 21.10
C PHE A 188 4.76 5.25 21.79
N MET A 193 2.39 -4.73 11.38
CA MET A 193 1.54 -3.81 10.57
C MET A 193 2.08 -3.76 9.12
N ALA A 194 1.18 -3.57 8.15
CA ALA A 194 1.46 -3.63 6.69
C ALA A 194 1.12 -2.29 6.03
N HIS A 195 -0.06 -1.75 6.31
CA HIS A 195 -0.56 -0.44 5.78
C HIS A 195 -0.94 0.47 6.95
N SER A 196 -1.40 1.68 6.64
CA SER A 196 -1.90 2.68 7.63
C SER A 196 -3.11 2.08 8.35
N PRO A 197 -3.35 2.44 9.63
CA PRO A 197 -4.58 2.03 10.30
C PRO A 197 -5.79 2.56 9.53
N PRO A 198 -6.97 1.92 9.65
CA PRO A 198 -8.16 2.41 8.95
C PRO A 198 -8.41 3.89 9.24
N GLY A 199 -8.79 4.66 8.21
CA GLY A 199 -9.14 6.09 8.31
C GLY A 199 -7.92 7.00 8.27
N HIS A 200 -6.71 6.44 8.44
CA HIS A 200 -5.42 7.18 8.56
C HIS A 200 -4.55 6.98 7.31
N HIS A 201 -3.52 7.81 7.12
CA HIS A 201 -2.66 7.86 5.91
C HIS A 201 -1.17 7.73 6.25
N SER A 202 -0.82 7.61 7.54
CA SER A 202 0.57 7.59 8.04
C SER A 202 0.57 7.24 9.53
N VAL A 203 1.75 6.95 10.08
CA VAL A 203 1.99 6.72 11.53
C VAL A 203 3.05 7.70 12.01
N THR A 204 2.80 8.40 13.13
CA THR A 204 3.77 9.24 13.86
C THR A 204 4.21 8.49 15.12
N GLY A 205 5.46 8.01 15.15
CA GLY A 205 6.07 7.39 16.35
C GLY A 205 6.50 8.46 17.33
N ARG A 206 6.50 8.14 18.63
CA ARG A 206 6.63 9.13 19.74
C ARG A 206 7.61 8.59 20.77
N PRO A 207 8.31 9.47 21.53
CA PRO A 207 9.24 9.03 22.57
C PRO A 207 8.54 8.32 23.74
N SER A 208 8.84 7.03 23.91
CA SER A 208 8.46 6.20 25.08
C SER A 208 9.73 5.86 25.88
N VAL A 209 9.67 5.92 27.21
CA VAL A 209 10.84 5.68 28.12
C VAL A 209 11.41 4.28 27.85
N ASN A 210 10.55 3.31 27.49
CA ASN A 210 10.93 1.92 27.11
C ASN A 210 10.87 1.76 25.57
N GLY A 211 11.07 2.85 24.82
CA GLY A 211 10.92 2.85 23.35
C GLY A 211 11.76 3.93 22.68
N LEU A 212 11.18 4.65 21.71
CA LEU A 212 11.84 5.74 20.93
C LEU A 212 12.37 6.83 21.87
N ALA A 213 13.47 7.47 21.47
CA ALA A 213 13.96 8.75 22.03
C ALA A 213 13.41 9.90 21.20
N LEU A 214 13.48 9.77 19.87
CA LEU A 214 13.07 10.82 18.88
C LEU A 214 11.86 10.34 18.06
N ALA A 215 11.19 11.31 17.42
CA ALA A 215 10.01 11.13 16.54
C ALA A 215 10.42 10.36 15.27
N GLU A 216 9.58 9.40 14.85
CA GLU A 216 9.61 8.81 13.49
C GLU A 216 8.31 9.16 12.76
N TYR A 217 8.34 9.16 11.43
CA TYR A 217 7.17 9.32 10.54
C TYR A 217 7.24 8.24 9.46
N VAL A 218 6.14 7.53 9.22
CA VAL A 218 6.10 6.30 8.38
C VAL A 218 4.93 6.40 7.40
N ILE A 219 5.18 6.14 6.12
CA ILE A 219 4.15 6.00 5.06
C ILE A 219 4.23 4.58 4.50
N TYR A 220 3.11 4.09 3.98
CA TYR A 220 2.94 2.71 3.45
C TYR A 220 2.60 2.78 1.96
N ARG A 221 2.89 3.93 1.35
CA ARG A 221 2.63 4.25 -0.07
C ARG A 221 3.72 5.22 -0.55
N GLY A 222 4.52 4.81 -1.53
CA GLY A 222 5.67 5.58 -2.06
C GLY A 222 5.26 6.95 -2.59
N GLU A 223 4.01 7.09 -3.06
CA GLU A 223 3.53 8.31 -3.78
C GLU A 223 3.22 9.43 -2.78
N GLN A 224 3.31 9.16 -1.47
CA GLN A 224 3.00 10.13 -0.39
C GLN A 224 4.24 10.93 -0.02
N ALA A 225 5.39 10.68 -0.67
CA ALA A 225 6.66 11.41 -0.44
C ALA A 225 7.33 11.74 -1.78
N TYR A 226 7.94 12.91 -1.87
CA TYR A 226 8.78 13.36 -3.03
C TYR A 226 10.16 13.75 -2.52
N PRO A 227 11.25 13.19 -3.09
CA PRO A 227 12.60 13.54 -2.66
C PRO A 227 13.05 14.85 -3.32
N GLU A 228 12.76 15.99 -2.68
CA GLU A 228 12.88 17.33 -3.30
C GLU A 228 14.35 17.74 -3.35
N TYR A 229 15.14 17.38 -2.34
CA TYR A 229 16.57 17.77 -2.20
C TYR A 229 17.44 16.55 -1.89
N LEU A 230 18.55 16.40 -2.61
CA LEU A 230 19.58 15.38 -2.38
C LEU A 230 20.81 16.06 -1.79
N ILE A 231 21.17 15.71 -0.55
CA ILE A 231 22.25 16.36 0.25
C ILE A 231 23.45 15.41 0.31
N THR A 232 24.58 15.81 -0.29
CA THR A 232 25.89 15.11 -0.16
C THR A 232 26.67 15.78 0.99
N TYR A 233 27.16 14.99 1.94
CA TYR A 233 27.77 15.49 3.19
C TYR A 233 28.69 14.42 3.81
N GLN A 234 29.49 14.86 4.78
CA GLN A 234 30.25 13.99 5.73
C GLN A 234 29.87 14.44 7.14
N ILE A 235 29.77 13.50 8.08
CA ILE A 235 29.81 13.83 9.54
C ILE A 235 31.22 14.37 9.82
N MET A 236 31.34 15.37 10.69
CA MET A 236 32.64 16.02 10.98
C MET A 236 33.12 15.61 12.38
N ARG A 237 34.40 15.27 12.49
CA ARG A 237 35.08 14.90 13.77
C ARG A 237 34.99 16.11 14.71
N PRO A 238 34.52 15.95 15.97
CA PRO A 238 34.51 17.04 16.93
C PRO A 238 35.93 17.44 17.37
N GLU A 239 36.04 18.52 18.16
CA GLU A 239 37.31 19.13 18.64
C GLU A 239 38.09 19.67 17.44
N GLY B 30 -21.53 9.20 -3.63
CA GLY B 30 -22.00 9.42 -5.02
C GLY B 30 -21.99 8.15 -5.85
N THR B 31 -22.32 7.01 -5.23
CA THR B 31 -22.51 5.69 -5.90
C THR B 31 -23.97 5.57 -6.34
N ILE B 32 -24.19 5.11 -7.58
CA ILE B 32 -25.53 4.87 -8.20
C ILE B 32 -25.56 3.42 -8.68
N LEU B 33 -26.59 2.65 -8.28
CA LEU B 33 -26.82 1.26 -8.73
C LEU B 33 -27.80 1.27 -9.89
N ILE B 34 -27.44 0.66 -11.02
CA ILE B 34 -28.32 0.50 -12.21
C ILE B 34 -28.83 -0.95 -12.22
N ASP B 35 -30.11 -1.14 -11.89
CA ASP B 35 -30.78 -2.46 -11.88
C ASP B 35 -30.83 -2.98 -13.33
N LEU B 36 -30.23 -4.14 -13.60
CA LEU B 36 -30.21 -4.77 -14.94
C LEU B 36 -31.39 -5.75 -15.06
N SER B 37 -32.12 -5.68 -16.18
CA SER B 37 -33.24 -6.59 -16.52
C SER B 37 -32.71 -7.99 -16.80
N PRO B 38 -33.33 -9.07 -16.27
CA PRO B 38 -32.90 -10.45 -16.56
C PRO B 38 -32.80 -10.81 -18.06
N ASP B 39 -33.42 -10.02 -18.94
CA ASP B 39 -33.42 -10.23 -20.40
C ASP B 39 -32.28 -9.43 -21.05
N ASP B 40 -31.54 -8.63 -20.28
CA ASP B 40 -30.29 -7.95 -20.71
C ASP B 40 -29.21 -9.01 -20.97
N LYS B 41 -28.48 -8.90 -22.08
CA LYS B 41 -27.32 -9.77 -22.39
C LYS B 41 -26.22 -9.51 -21.36
N GLU B 42 -26.11 -8.27 -20.86
CA GLU B 42 -25.12 -7.86 -19.83
C GLU B 42 -25.39 -8.61 -18.52
N PHE B 43 -26.66 -8.66 -18.11
CA PHE B 43 -27.15 -9.46 -16.96
C PHE B 43 -26.80 -10.94 -17.20
N GLN B 44 -27.24 -11.46 -18.35
CA GLN B 44 -27.12 -12.89 -18.75
C GLN B 44 -25.65 -13.31 -18.74
N SER B 45 -24.74 -12.41 -19.14
CA SER B 45 -23.29 -12.64 -19.20
C SER B 45 -22.75 -12.88 -17.77
N VAL B 46 -23.09 -11.98 -16.85
CA VAL B 46 -22.68 -12.04 -15.42
C VAL B 46 -23.35 -13.25 -14.76
N GLU B 47 -24.63 -13.48 -15.04
CA GLU B 47 -25.40 -14.65 -14.55
C GLU B 47 -24.70 -15.94 -14.97
N GLU B 48 -24.41 -16.07 -16.27
CA GLU B 48 -23.78 -17.28 -16.87
C GLU B 48 -22.43 -17.52 -16.19
N GLU B 49 -21.60 -16.49 -16.05
CA GLU B 49 -20.23 -16.57 -15.47
C GLU B 49 -20.34 -17.07 -14.02
N MET B 50 -21.28 -16.53 -13.24
CA MET B 50 -21.47 -16.91 -11.81
C MET B 50 -21.84 -18.39 -11.72
N GLN B 51 -22.85 -18.82 -12.50
CA GLN B 51 -23.39 -20.21 -12.45
C GLN B 51 -22.33 -21.20 -12.95
N SER B 52 -21.60 -20.88 -14.02
CA SER B 52 -20.68 -21.79 -14.73
C SER B 52 -19.37 -21.98 -13.95
N THR B 53 -18.96 -21.00 -13.16
CA THR B 53 -17.67 -20.98 -12.43
C THR B 53 -17.82 -21.68 -11.07
N VAL B 54 -18.98 -22.28 -10.79
CA VAL B 54 -19.24 -23.07 -9.54
C VAL B 54 -18.45 -24.39 -9.62
N ARG B 55 -17.78 -24.78 -8.53
CA ARG B 55 -16.97 -26.02 -8.44
C ARG B 55 -17.31 -26.78 -7.16
N GLU B 56 -17.06 -28.10 -7.16
CA GLU B 56 -16.96 -28.95 -5.95
C GLU B 56 -15.85 -28.39 -5.05
N HIS B 57 -16.00 -28.48 -3.73
CA HIS B 57 -15.05 -27.91 -2.74
C HIS B 57 -14.51 -29.00 -1.82
N ARG B 58 -13.24 -28.86 -1.41
CA ARG B 58 -12.50 -29.82 -0.56
C ARG B 58 -13.24 -30.02 0.77
N ASP B 59 -13.79 -28.94 1.33
CA ASP B 59 -14.41 -28.90 2.69
C ASP B 59 -15.85 -29.45 2.62
N GLY B 60 -16.28 -30.03 1.50
CA GLY B 60 -17.65 -30.53 1.27
C GLY B 60 -18.70 -29.48 1.59
N GLY B 61 -18.41 -28.20 1.28
CA GLY B 61 -19.34 -27.07 1.47
C GLY B 61 -19.47 -26.64 2.93
N HIS B 62 -18.50 -27.01 3.79
CA HIS B 62 -18.49 -26.67 5.24
C HIS B 62 -18.53 -25.14 5.43
N ALA B 63 -17.81 -24.40 4.58
CA ALA B 63 -17.64 -22.93 4.66
C ALA B 63 -18.76 -22.22 3.88
N GLY B 64 -19.04 -22.67 2.64
CA GLY B 64 -19.90 -21.94 1.68
C GLY B 64 -21.33 -22.48 1.60
N GLY B 65 -21.57 -23.69 2.11
CA GLY B 65 -22.83 -24.42 1.95
C GLY B 65 -22.75 -25.46 0.85
N ILE B 66 -23.77 -26.32 0.73
CA ILE B 66 -23.84 -27.43 -0.28
C ILE B 66 -24.85 -27.03 -1.36
N PHE B 67 -24.40 -26.98 -2.62
CA PHE B 67 -25.15 -26.46 -3.80
C PHE B 67 -24.32 -26.71 -5.07
N ASN B 68 -24.97 -26.71 -6.23
CA ASN B 68 -24.29 -26.74 -7.55
C ASN B 68 -24.88 -25.66 -8.47
N ARG B 69 -25.71 -24.76 -7.91
CA ARG B 69 -26.39 -23.68 -8.67
C ARG B 69 -26.86 -22.62 -7.67
N TYR B 70 -27.03 -21.36 -8.12
CA TYR B 70 -27.55 -20.24 -7.30
C TYR B 70 -28.96 -19.86 -7.76
N ASN B 71 -29.66 -19.11 -6.90
CA ASN B 71 -30.88 -18.33 -7.22
C ASN B 71 -30.43 -16.88 -7.42
N ILE B 72 -30.36 -16.42 -8.67
CA ILE B 72 -29.85 -15.05 -9.05
C ILE B 72 -31.03 -14.07 -8.96
N LEU B 73 -31.05 -13.26 -7.91
CA LEU B 73 -32.19 -12.37 -7.57
C LEU B 73 -32.02 -11.01 -8.28
N LYS B 74 -30.86 -10.39 -8.15
CA LYS B 74 -30.62 -9.00 -8.65
C LYS B 74 -29.14 -8.89 -9.09
N ILE B 75 -28.91 -8.29 -10.26
CA ILE B 75 -27.56 -7.86 -10.73
C ILE B 75 -27.63 -6.36 -11.04
N GLN B 76 -26.91 -5.55 -10.27
CA GLN B 76 -26.87 -4.07 -10.40
C GLN B 76 -25.47 -3.64 -10.81
N LYS B 77 -25.34 -2.83 -11.86
CA LYS B 77 -24.07 -2.14 -12.26
C LYS B 77 -23.82 -0.99 -11.28
N VAL B 78 -22.64 -0.97 -10.66
CA VAL B 78 -22.19 0.09 -9.72
C VAL B 78 -21.59 1.24 -10.55
N CYS B 79 -21.98 2.48 -10.29
CA CYS B 79 -21.51 3.70 -11.00
C CYS B 79 -21.02 4.75 -10.00
N ASN B 80 -19.71 5.07 -10.05
CA ASN B 80 -19.04 6.06 -9.17
C ASN B 80 -17.81 6.62 -9.91
N LYS B 81 -17.92 7.85 -10.44
CA LYS B 81 -16.85 8.54 -11.20
C LYS B 81 -15.57 8.60 -10.36
N LYS B 82 -15.66 8.97 -9.08
CA LYS B 82 -14.51 9.09 -8.15
C LYS B 82 -13.75 7.76 -8.12
N LEU B 83 -14.46 6.67 -7.83
CA LEU B 83 -13.89 5.30 -7.68
C LEU B 83 -13.39 4.78 -9.03
N TRP B 84 -14.10 5.10 -10.13
CA TRP B 84 -13.72 4.66 -11.49
C TRP B 84 -12.42 5.36 -11.92
N GLU B 85 -12.33 6.68 -11.71
CA GLU B 85 -11.17 7.52 -12.13
C GLU B 85 -9.92 7.08 -11.37
N ARG B 86 -10.07 6.74 -10.08
CA ARG B 86 -8.95 6.32 -9.20
C ARG B 86 -8.48 4.92 -9.62
N TYR B 87 -9.36 4.10 -10.21
CA TYR B 87 -9.02 2.76 -10.76
C TYR B 87 -8.22 2.94 -12.05
N THR B 88 -8.79 3.61 -13.05
CA THR B 88 -8.17 3.81 -14.40
C THR B 88 -6.77 4.43 -14.23
N HIS B 89 -6.65 5.42 -13.33
CA HIS B 89 -5.38 6.14 -13.01
C HIS B 89 -4.31 5.14 -12.57
N ARG B 90 -4.65 4.21 -11.69
CA ARG B 90 -3.73 3.17 -11.17
C ARG B 90 -3.47 2.13 -12.26
N ARG B 91 -4.48 1.81 -13.07
CA ARG B 91 -4.37 0.84 -14.19
C ARG B 91 -3.34 1.35 -15.19
N LYS B 92 -3.30 2.66 -15.46
CA LYS B 92 -2.33 3.29 -16.39
C LYS B 92 -0.91 3.10 -15.86
N GLU B 93 -0.67 3.46 -14.59
CA GLU B 93 0.64 3.35 -13.90
C GLU B 93 1.18 1.92 -14.03
N VAL B 94 0.33 0.92 -13.77
CA VAL B 94 0.69 -0.52 -13.74
C VAL B 94 1.11 -0.94 -15.15
N SER B 95 0.34 -0.57 -16.18
CA SER B 95 0.62 -0.86 -17.62
C SER B 95 2.05 -0.44 -17.98
N GLU B 96 2.48 0.74 -17.55
CA GLU B 96 3.82 1.31 -17.85
C GLU B 96 4.92 0.51 -17.15
N GLU B 97 4.57 -0.22 -16.07
CA GLU B 97 5.52 -1.07 -15.29
C GLU B 97 5.43 -2.54 -15.72
N ASN B 98 4.56 -2.88 -16.69
CA ASN B 98 4.29 -4.28 -17.11
C ASN B 98 4.14 -4.35 -18.63
N HIS B 99 5.02 -3.66 -19.36
CA HIS B 99 5.14 -3.74 -20.85
C HIS B 99 3.83 -3.31 -21.52
N ASN B 100 3.21 -2.23 -21.03
CA ASN B 100 2.00 -1.58 -21.60
C ASN B 100 0.84 -2.57 -21.68
N HIS B 101 0.68 -3.41 -20.64
CA HIS B 101 -0.52 -4.26 -20.45
C HIS B 101 -0.89 -4.33 -18.97
N ALA B 102 -2.12 -3.91 -18.66
CA ALA B 102 -2.69 -3.82 -17.31
C ALA B 102 -2.84 -5.23 -16.70
N ASN B 103 -3.03 -6.25 -17.54
CA ASN B 103 -3.35 -7.64 -17.12
C ASN B 103 -4.68 -7.58 -16.35
N GLU B 104 -5.69 -6.99 -16.98
CA GLU B 104 -7.04 -6.79 -16.41
C GLU B 104 -7.84 -8.09 -16.54
N ARG B 105 -8.44 -8.52 -15.43
CA ARG B 105 -9.29 -9.74 -15.33
C ARG B 105 -10.58 -9.39 -14.60
N MET B 106 -11.71 -9.90 -15.08
CA MET B 106 -13.00 -9.89 -14.34
C MET B 106 -12.97 -11.05 -13.33
N LEU B 107 -13.02 -10.74 -12.03
CA LEU B 107 -12.96 -11.74 -10.93
C LEU B 107 -14.04 -11.44 -9.87
N PHE B 108 -14.51 -12.50 -9.20
CA PHE B 108 -15.49 -12.43 -8.09
C PHE B 108 -14.78 -12.04 -6.80
N HIS B 109 -15.43 -11.22 -5.97
CA HIS B 109 -14.98 -10.87 -4.60
C HIS B 109 -16.09 -11.20 -3.59
N GLY B 110 -15.72 -11.86 -2.49
CA GLY B 110 -16.60 -12.13 -1.34
C GLY B 110 -15.98 -11.64 -0.05
N SER B 111 -16.81 -11.04 0.81
CA SER B 111 -16.43 -10.47 2.14
C SER B 111 -17.69 -9.91 2.81
N PRO B 112 -17.74 -9.81 4.16
CA PRO B 112 -18.88 -9.20 4.84
C PRO B 112 -19.06 -7.68 4.65
N PHE B 113 -18.28 -7.04 3.77
CA PHE B 113 -18.11 -5.56 3.71
C PHE B 113 -18.52 -4.99 2.35
N VAL B 114 -19.27 -5.76 1.56
CA VAL B 114 -19.64 -5.40 0.16
C VAL B 114 -20.35 -4.05 0.14
N ASN B 115 -21.26 -3.80 1.09
CA ASN B 115 -22.09 -2.57 1.14
C ASN B 115 -21.17 -1.34 1.28
N ALA B 116 -20.12 -1.44 2.09
CA ALA B 116 -19.11 -0.38 2.28
C ALA B 116 -18.35 -0.16 0.95
N ILE B 117 -17.85 -1.25 0.36
CA ILE B 117 -16.96 -1.26 -0.83
C ILE B 117 -17.60 -0.48 -1.98
N ILE B 118 -18.87 -0.77 -2.31
CA ILE B 118 -19.58 -0.14 -3.46
C ILE B 118 -19.70 1.38 -3.24
N HIS B 119 -19.58 1.85 -2.00
CA HIS B 119 -19.73 3.28 -1.63
C HIS B 119 -18.36 3.96 -1.49
N LYS B 120 -17.40 3.32 -0.81
CA LYS B 120 -16.10 3.95 -0.44
C LYS B 120 -14.92 3.28 -1.16
N GLY B 121 -15.17 2.30 -2.04
CA GLY B 121 -14.13 1.58 -2.79
C GLY B 121 -13.40 0.56 -1.94
N PHE B 122 -12.69 -0.38 -2.55
CA PHE B 122 -11.82 -1.38 -1.85
C PHE B 122 -10.79 -0.60 -1.03
N ASP B 123 -10.49 -1.09 0.18
CA ASP B 123 -9.58 -0.41 1.14
C ASP B 123 -8.65 -1.45 1.76
N GLU B 124 -7.37 -1.43 1.39
CA GLU B 124 -6.32 -2.37 1.87
C GLU B 124 -6.17 -2.24 3.39
N ARG B 125 -6.47 -1.05 3.95
CA ARG B 125 -6.30 -0.73 5.40
C ARG B 125 -7.13 -1.69 6.26
N HIS B 126 -8.14 -2.35 5.68
CA HIS B 126 -9.07 -3.28 6.38
C HIS B 126 -8.75 -4.73 6.03
N ALA B 127 -7.62 -4.98 5.35
CA ALA B 127 -7.14 -6.34 5.02
C ALA B 127 -6.87 -7.12 6.31
N TYR B 128 -7.11 -8.44 6.31
CA TYR B 128 -6.78 -9.37 7.43
C TYR B 128 -5.32 -9.78 7.30
N ILE B 129 -4.51 -9.51 8.33
CA ILE B 129 -3.03 -9.61 8.34
C ILE B 129 -2.61 -11.09 8.44
N GLY B 130 -3.50 -11.95 8.94
CA GLY B 130 -3.25 -13.39 9.14
C GLY B 130 -3.54 -14.23 7.90
N GLY B 131 -3.99 -13.61 6.80
CA GLY B 131 -4.31 -14.28 5.53
C GLY B 131 -3.13 -15.09 5.02
N MET B 132 -3.39 -16.08 4.15
CA MET B 132 -2.37 -17.02 3.61
C MET B 132 -1.37 -16.28 2.70
N PHE B 133 -1.82 -15.19 2.06
CA PHE B 133 -0.98 -14.33 1.17
C PHE B 133 -0.89 -12.93 1.77
N GLY B 134 -0.94 -12.82 3.10
CA GLY B 134 -0.75 -11.58 3.86
C GLY B 134 -1.91 -10.62 3.72
N ALA B 135 -1.70 -9.38 4.17
CA ALA B 135 -2.71 -8.30 4.22
C ALA B 135 -3.01 -7.82 2.80
N GLY B 136 -3.88 -8.54 2.10
CA GLY B 136 -4.35 -8.18 0.75
C GLY B 136 -5.84 -8.40 0.60
N ILE B 137 -6.42 -7.88 -0.48
CA ILE B 137 -7.84 -8.08 -0.86
C ILE B 137 -7.88 -9.25 -1.83
N TYR B 138 -8.62 -10.31 -1.49
CA TYR B 138 -8.64 -11.60 -2.21
C TYR B 138 -9.76 -11.60 -3.26
N PHE B 139 -9.49 -12.22 -4.41
CA PHE B 139 -10.44 -12.44 -5.54
C PHE B 139 -10.35 -13.91 -5.95
N ALA B 140 -11.27 -14.34 -6.82
CA ALA B 140 -11.36 -15.72 -7.34
C ALA B 140 -11.99 -15.69 -8.73
N GLU B 141 -11.58 -16.62 -9.61
CA GLU B 141 -12.20 -16.85 -10.94
C GLU B 141 -13.37 -17.83 -10.77
N ASN B 142 -13.58 -18.34 -9.55
CA ASN B 142 -14.66 -19.30 -9.20
C ASN B 142 -15.58 -18.66 -8.17
N SER B 143 -16.77 -18.21 -8.60
CA SER B 143 -17.84 -17.61 -7.77
C SER B 143 -18.04 -18.44 -6.49
N SER B 144 -17.99 -19.77 -6.59
CA SER B 144 -18.22 -20.71 -5.45
C SER B 144 -17.16 -20.52 -4.37
N LYS B 145 -15.94 -20.12 -4.75
CA LYS B 145 -14.83 -19.85 -3.80
C LYS B 145 -15.11 -18.55 -3.04
N SER B 146 -15.39 -17.47 -3.76
CA SER B 146 -15.77 -16.14 -3.18
C SER B 146 -16.91 -16.32 -2.17
N ASN B 147 -17.89 -17.17 -2.49
CA ASN B 147 -19.06 -17.50 -1.64
C ASN B 147 -18.61 -17.87 -0.22
N GLN B 148 -17.48 -18.58 -0.09
CA GLN B 148 -16.98 -19.11 1.20
C GLN B 148 -16.64 -17.98 2.18
N TYR B 149 -16.43 -16.75 1.70
CA TYR B 149 -15.92 -15.61 2.50
C TYR B 149 -17.01 -14.59 2.81
N VAL B 150 -18.24 -14.82 2.33
CA VAL B 150 -19.35 -13.82 2.37
C VAL B 150 -19.73 -13.52 3.83
N TYR B 151 -19.78 -14.54 4.69
CA TYR B 151 -20.14 -14.43 6.12
C TYR B 151 -18.88 -14.52 6.99
N GLY B 152 -17.74 -14.08 6.46
CA GLY B 152 -16.43 -14.03 7.17
C GLY B 152 -15.45 -15.06 6.65
N ILE B 153 -14.27 -15.15 7.28
CA ILE B 153 -13.19 -16.09 6.92
C ILE B 153 -13.69 -17.51 7.22
N GLY B 154 -13.67 -18.41 6.22
CA GLY B 154 -14.23 -19.77 6.31
C GLY B 154 -15.72 -19.74 6.61
N GLY B 155 -16.45 -18.76 6.06
CA GLY B 155 -17.91 -18.58 6.25
C GLY B 155 -18.25 -18.11 7.65
N GLY B 156 -17.25 -17.91 8.51
CA GLY B 156 -17.40 -17.51 9.92
C GLY B 156 -18.49 -18.28 10.63
N THR B 157 -19.40 -17.53 11.28
CA THR B 157 -20.54 -18.04 12.10
C THR B 157 -21.79 -18.16 11.22
N GLY B 158 -21.65 -18.13 9.89
CA GLY B 158 -22.76 -18.25 8.92
C GLY B 158 -23.63 -17.00 8.92
N CYS B 159 -24.86 -17.13 8.42
CA CYS B 159 -25.86 -16.03 8.28
C CYS B 159 -26.21 -15.48 9.66
N PRO B 160 -26.51 -14.17 9.78
CA PRO B 160 -26.82 -13.56 11.08
C PRO B 160 -28.09 -14.12 11.74
N VAL B 161 -29.12 -14.47 10.96
CA VAL B 161 -30.47 -14.86 11.50
C VAL B 161 -30.44 -16.31 12.00
N HIS B 162 -29.90 -17.25 11.20
CA HIS B 162 -29.98 -18.72 11.46
C HIS B 162 -28.64 -19.30 11.93
N LYS B 163 -27.54 -18.52 11.88
CA LYS B 163 -26.16 -19.00 12.22
C LYS B 163 -25.88 -20.29 11.43
N ASP B 164 -26.14 -20.26 10.11
CA ASP B 164 -26.04 -21.43 9.20
C ASP B 164 -25.24 -21.02 7.95
N ARG B 165 -24.10 -21.67 7.73
CA ARG B 165 -23.19 -21.42 6.57
C ARG B 165 -23.82 -21.96 5.28
N SER B 166 -24.76 -22.91 5.38
CA SER B 166 -25.43 -23.58 4.24
C SER B 166 -26.88 -23.08 4.08
N CYS B 167 -27.21 -21.95 4.73
CA CYS B 167 -28.58 -21.35 4.73
C CYS B 167 -29.00 -21.07 3.28
N TYR B 168 -30.12 -21.68 2.85
CA TYR B 168 -30.72 -21.50 1.50
C TYR B 168 -31.78 -20.38 1.54
N ILE B 169 -32.02 -19.80 2.73
CA ILE B 169 -33.07 -18.77 2.97
C ILE B 169 -32.45 -17.37 2.79
N CYS B 170 -31.43 -17.04 3.58
CA CYS B 170 -30.82 -15.69 3.64
C CYS B 170 -30.17 -15.33 2.29
N HIS B 171 -30.36 -14.08 1.86
CA HIS B 171 -29.80 -13.48 0.62
C HIS B 171 -28.31 -13.13 0.82
N ARG B 172 -27.46 -13.52 -0.13
CA ARG B 172 -26.00 -13.22 -0.13
C ARG B 172 -25.72 -12.16 -1.21
N GLN B 173 -24.53 -11.55 -1.17
CA GLN B 173 -24.05 -10.56 -2.17
C GLN B 173 -22.58 -10.83 -2.49
N LEU B 174 -22.27 -11.12 -3.77
CA LEU B 174 -20.89 -11.13 -4.32
C LEU B 174 -20.71 -9.85 -5.16
N LEU B 175 -19.45 -9.41 -5.29
CA LEU B 175 -19.04 -8.40 -6.29
C LEU B 175 -18.32 -9.13 -7.43
N PHE B 176 -18.62 -8.74 -8.67
CA PHE B 176 -17.89 -9.13 -9.89
C PHE B 176 -17.12 -7.90 -10.36
N CYS B 177 -15.79 -7.92 -10.19
CA CYS B 177 -14.90 -6.73 -10.23
C CYS B 177 -13.96 -6.75 -11.42
N ARG B 178 -13.70 -5.55 -11.97
CA ARG B 178 -12.53 -5.22 -12.82
C ARG B 178 -11.30 -5.17 -11.91
N VAL B 179 -10.34 -6.08 -12.09
CA VAL B 179 -9.11 -6.18 -11.26
C VAL B 179 -7.89 -6.04 -12.17
N THR B 180 -7.01 -5.07 -11.88
CA THR B 180 -5.68 -4.90 -12.51
C THR B 180 -4.67 -5.77 -11.74
N LEU B 181 -4.25 -6.88 -12.33
CA LEU B 181 -3.28 -7.83 -11.71
C LEU B 181 -1.85 -7.41 -12.03
N GLY B 182 -1.64 -6.67 -13.13
CA GLY B 182 -0.32 -6.27 -13.62
C GLY B 182 0.59 -7.48 -13.78
N LYS B 183 1.81 -7.39 -13.24
CA LYS B 183 2.79 -8.52 -13.21
C LYS B 183 2.57 -9.30 -11.91
N SER B 184 1.90 -10.44 -11.99
CA SER B 184 1.43 -11.24 -10.82
C SER B 184 2.51 -12.26 -10.42
N PHE B 185 2.93 -12.21 -9.16
CA PHE B 185 3.89 -13.15 -8.52
C PHE B 185 3.18 -14.47 -8.20
N LEU B 186 3.66 -15.58 -8.76
CA LEU B 186 3.11 -16.95 -8.49
C LEU B 186 3.66 -17.45 -7.16
N GLN B 187 2.81 -18.04 -6.30
CA GLN B 187 3.19 -18.56 -4.96
C GLN B 187 2.29 -19.75 -4.58
N PHE B 188 2.84 -20.66 -3.76
CA PHE B 188 2.18 -21.92 -3.31
C PHE B 188 2.00 -21.89 -1.79
N SER B 189 1.45 -22.98 -1.22
CA SER B 189 1.26 -23.22 0.23
C SER B 189 0.92 -21.91 0.95
N MET B 193 4.28 -10.81 4.13
CA MET B 193 3.78 -10.29 2.82
C MET B 193 2.80 -9.13 3.08
N ALA B 194 3.32 -7.91 3.21
CA ALA B 194 2.52 -6.67 3.46
C ALA B 194 2.02 -6.10 2.13
N HIS B 195 2.93 -5.94 1.16
CA HIS B 195 2.65 -5.42 -0.21
C HIS B 195 3.07 -6.46 -1.25
N SER B 196 2.90 -6.13 -2.54
CA SER B 196 3.37 -6.96 -3.67
C SER B 196 4.88 -7.11 -3.59
N PRO B 197 5.46 -8.25 -4.03
CA PRO B 197 6.91 -8.38 -4.10
C PRO B 197 7.48 -7.31 -5.04
N PRO B 198 8.76 -6.91 -4.88
CA PRO B 198 9.35 -5.91 -5.77
C PRO B 198 9.15 -6.29 -7.25
N GLY B 199 8.85 -5.31 -8.09
CA GLY B 199 8.67 -5.46 -9.55
C GLY B 199 7.28 -5.94 -9.93
N HIS B 200 6.49 -6.43 -8.96
CA HIS B 200 5.16 -7.08 -9.16
C HIS B 200 4.04 -6.18 -8.62
N HIS B 201 2.79 -6.45 -9.02
CA HIS B 201 1.59 -5.62 -8.71
C HIS B 201 0.46 -6.45 -8.08
N SER B 202 0.65 -7.76 -7.90
CA SER B 202 -0.38 -8.71 -7.40
C SER B 202 0.28 -10.06 -7.14
N VAL B 203 -0.44 -10.96 -6.47
CA VAL B 203 -0.02 -12.37 -6.21
C VAL B 203 -1.12 -13.30 -6.76
N THR B 204 -0.73 -14.32 -7.53
CA THR B 204 -1.60 -15.41 -8.03
C THR B 204 -1.29 -16.69 -7.22
N GLY B 205 -2.22 -17.11 -6.37
CA GLY B 205 -2.13 -18.37 -5.60
C GLY B 205 -2.58 -19.56 -6.43
N ARG B 206 -2.25 -20.78 -6.00
CA ARG B 206 -2.75 -22.05 -6.60
C ARG B 206 -2.91 -23.14 -5.54
N PRO B 207 -3.61 -22.87 -4.41
CA PRO B 207 -3.86 -23.91 -3.40
C PRO B 207 -4.85 -24.97 -3.90
N LEU B 212 -7.93 -30.82 -5.85
CA LEU B 212 -8.80 -29.67 -6.22
C LEU B 212 -8.11 -28.36 -5.83
N ALA B 213 -7.20 -27.89 -6.68
CA ALA B 213 -6.50 -26.60 -6.57
C ALA B 213 -7.24 -25.57 -7.42
N LEU B 214 -7.78 -24.53 -6.77
CA LEU B 214 -8.47 -23.39 -7.45
C LEU B 214 -7.62 -22.13 -7.28
N ALA B 215 -7.52 -21.31 -8.33
CA ALA B 215 -6.68 -20.09 -8.37
C ALA B 215 -7.31 -19.01 -7.47
N GLU B 216 -6.47 -18.34 -6.66
CA GLU B 216 -6.83 -17.11 -5.91
C GLU B 216 -5.96 -15.96 -6.43
N TYR B 217 -6.43 -14.72 -6.28
CA TYR B 217 -5.77 -13.48 -6.77
C TYR B 217 -5.84 -12.44 -5.66
N VAL B 218 -4.71 -11.77 -5.37
CA VAL B 218 -4.55 -10.85 -4.21
C VAL B 218 -3.93 -9.54 -4.69
N ILE B 219 -4.50 -8.40 -4.30
CA ILE B 219 -3.91 -7.04 -4.50
C ILE B 219 -3.69 -6.42 -3.12
N TYR B 220 -2.74 -5.50 -3.01
CA TYR B 220 -2.33 -4.82 -1.74
C TYR B 220 -2.60 -3.33 -1.85
N ARG B 221 -3.45 -2.96 -2.82
CA ARG B 221 -3.86 -1.57 -3.12
C ARG B 221 -5.31 -1.59 -3.61
N GLY B 222 -6.21 -0.94 -2.88
CA GLY B 222 -7.66 -0.92 -3.17
C GLY B 222 -7.99 -0.40 -4.55
N GLU B 223 -7.16 0.49 -5.12
CA GLU B 223 -7.48 1.21 -6.38
C GLU B 223 -7.13 0.32 -7.59
N GLN B 224 -6.64 -0.90 -7.37
CA GLN B 224 -6.33 -1.87 -8.45
C GLN B 224 -7.54 -2.73 -8.78
N ALA B 225 -8.68 -2.51 -8.11
CA ALA B 225 -9.95 -3.22 -8.35
C ALA B 225 -11.12 -2.23 -8.35
N TYR B 226 -12.11 -2.45 -9.22
CA TYR B 226 -13.39 -1.70 -9.28
C TYR B 226 -14.55 -2.68 -9.19
N PRO B 227 -15.50 -2.48 -8.24
CA PRO B 227 -16.65 -3.37 -8.11
C PRO B 227 -17.73 -3.01 -9.14
N GLU B 228 -17.64 -3.59 -10.34
CA GLU B 228 -18.44 -3.16 -11.52
C GLU B 228 -19.89 -3.65 -11.37
N TYR B 229 -20.10 -4.84 -10.82
CA TYR B 229 -21.42 -5.50 -10.67
C TYR B 229 -21.62 -5.98 -9.23
N LEU B 230 -22.79 -5.67 -8.65
CA LEU B 230 -23.25 -6.17 -7.33
C LEU B 230 -24.33 -7.22 -7.56
N ILE B 231 -24.07 -8.47 -7.18
CA ILE B 231 -24.97 -9.63 -7.43
C ILE B 231 -25.63 -10.04 -6.11
N THR B 232 -26.95 -9.91 -6.01
CA THR B 232 -27.77 -10.47 -4.90
C THR B 232 -28.28 -11.85 -5.32
N TYR B 233 -28.08 -12.86 -4.47
CA TYR B 233 -28.36 -14.29 -4.78
C TYR B 233 -28.56 -15.10 -3.50
N GLN B 234 -29.06 -16.33 -3.67
CA GLN B 234 -29.08 -17.42 -2.65
C GLN B 234 -28.42 -18.65 -3.28
N ILE B 235 -27.68 -19.44 -2.50
CA ILE B 235 -27.34 -20.83 -2.89
C ILE B 235 -28.65 -21.61 -2.91
N MET B 236 -28.81 -22.53 -3.85
CA MET B 236 -30.08 -23.28 -4.01
C MET B 236 -29.88 -24.72 -3.54
N ARG B 237 -30.85 -25.24 -2.77
CA ARG B 237 -30.89 -26.63 -2.25
C ARG B 237 -30.87 -27.59 -3.43
N PRO B 238 -29.94 -28.57 -3.47
CA PRO B 238 -29.88 -29.52 -4.58
C PRO B 238 -31.10 -30.47 -4.57
N GLU B 239 -31.30 -31.20 -5.68
CA GLU B 239 -32.43 -32.16 -5.87
C GLU B 239 -33.76 -31.41 -5.78
#